data_6HMP
#
_entry.id   6HMP
#
_cell.length_a   48.819
_cell.length_b   72.223
_cell.length_c   89.161
_cell.angle_alpha   90.00
_cell.angle_beta   103.21
_cell.angle_gamma   90.00
#
_symmetry.space_group_name_H-M   'P 1 21 1'
#
loop_
_entity.id
_entity.type
_entity.pdbx_description
1 polymer 'Casein kinase I isoform delta'
2 non-polymer 3-(2,5-dimethoxyphenyl)-~{N}-[4-[5-(4-fluorophenyl)-2-[(~{E})-(4-fluorophenyl)diazenyl]-3-methyl-imidazol-4-yl]pyridin-2-yl]propanamide
3 non-polymer 'PHOSPHATE ION'
4 water water
#
_entity_poly.entity_id   1
_entity_poly.type   'polypeptide(L)'
_entity_poly.pdbx_seq_one_letter_code
;MGSSHHHHHHSSGLVPRGSHMELRVGNRYRLGRKIGSGSFGDIYLGTDIAAGEEVAIKLECVKTKHPQLHIESKIYKMMQ
GGVGIPTIRWCGAEGDYNVMVMELLGPSLEDLFNFCSRKFSLKTVLLLADQMISRIEYIHSKNFIHRDVKPDNFLMGLGK
KGNLVYIIDFGLAKKYRDARTHQHIPYRENKNLTGTARYASINTHLGIEQSRRDDLESLGYVLMYFNLGSLPWQGLKAAT
KRQKYERISEKKMSTPIEVLCKGYPSEFATYLNFCRSLRFDDKPDYSYLRQLFRNLFHRQGFSYDYVFDWNMLK
;
_entity_poly.pdbx_strand_id   A,B
#
loop_
_chem_comp.id
_chem_comp.type
_chem_comp.name
_chem_comp.formula
GEW non-polymer 3-(2,5-dimethoxyphenyl)-~{N}-[4-[5-(4-fluorophenyl)-2-[(~{E})-(4-fluorophenyl)diazenyl]-3-methyl-imidazol-4-yl]pyridin-2-yl]propanamide 'C32 H28 F2 N6 O3'
PO4 non-polymer 'PHOSPHATE ION' 'O4 P -3'
#
# COMPACT_ATOMS: atom_id res chain seq x y z
N ARG A 28 15.75 2.56 24.12
CA ARG A 28 16.33 3.36 23.04
C ARG A 28 15.64 4.72 22.93
N TYR A 29 14.64 4.94 23.78
CA TYR A 29 13.65 6.00 23.60
C TYR A 29 13.60 6.91 24.82
N ARG A 30 13.85 8.19 24.60
CA ARG A 30 13.73 9.19 25.65
C ARG A 30 12.35 9.84 25.59
N LEU A 31 11.67 9.87 26.72
CA LEU A 31 10.32 10.41 26.77
C LEU A 31 10.39 11.92 26.89
N GLY A 32 9.71 12.61 25.98
CA GLY A 32 9.66 14.06 25.95
C GLY A 32 8.44 14.60 26.66
N ARG A 33 7.92 15.71 26.15
CA ARG A 33 6.78 16.36 26.78
C ARG A 33 5.47 15.71 26.37
N LYS A 34 4.55 15.63 27.33
CA LYS A 34 3.20 15.14 27.07
C LYS A 34 2.46 16.07 26.12
N ILE A 35 1.99 15.52 24.99
CA ILE A 35 1.31 16.32 23.97
C ILE A 35 -0.21 16.22 24.05
N GLY A 36 -0.75 15.34 24.87
CA GLY A 36 -2.19 15.22 25.01
C GLY A 36 -2.56 13.81 25.45
N SER A 37 -3.84 13.51 25.31
CA SER A 37 -4.39 12.23 25.73
C SER A 37 -5.01 11.50 24.56
N GLY A 38 -4.99 10.17 24.63
CA GLY A 38 -5.63 9.31 23.66
C GLY A 38 -6.89 8.69 24.25
N SER A 39 -7.58 7.93 23.40
CA SER A 39 -8.76 7.19 23.86
C SER A 39 -8.42 6.32 25.07
N PHE A 40 -7.21 5.78 25.12
CA PHE A 40 -6.73 5.02 26.27
C PHE A 40 -5.25 5.33 26.44
N GLY A 41 -4.88 5.89 27.60
CA GLY A 41 -3.50 6.23 27.88
C GLY A 41 -3.11 7.60 27.39
N ASP A 42 -1.87 7.98 27.73
CA ASP A 42 -1.33 9.31 27.45
C ASP A 42 -0.39 9.27 26.26
N ILE A 43 -0.34 10.38 25.51
CA ILE A 43 0.51 10.51 24.33
C ILE A 43 1.62 11.48 24.64
N TYR A 44 2.83 11.15 24.18
CA TYR A 44 4.02 11.93 24.45
C TYR A 44 4.80 12.13 23.16
N LEU A 45 5.35 13.32 22.99
CA LEU A 45 6.37 13.54 21.99
C LEU A 45 7.68 13.01 22.55
N GLY A 46 8.34 12.14 21.80
CA GLY A 46 9.49 11.42 22.31
C GLY A 46 10.64 11.40 21.31
N THR A 47 11.73 10.78 21.74
CA THR A 47 12.93 10.76 20.93
C THR A 47 13.56 9.38 20.94
N ASP A 48 13.84 8.85 19.75
CA ASP A 48 14.67 7.66 19.59
C ASP A 48 16.12 8.13 19.63
N ILE A 49 16.77 7.97 20.79
CA ILE A 49 18.07 8.59 21.04
C ILE A 49 19.05 8.26 19.92
N ALA A 50 19.01 7.03 19.40
CA ALA A 50 19.97 6.67 18.37
C ALA A 50 19.74 7.46 17.09
N ALA A 51 18.47 7.59 16.67
CA ALA A 51 18.14 8.20 15.38
C ALA A 51 17.16 9.38 15.43
N GLU A 53 15.86 9.11 15.65
CA GLU A 53 14.75 9.95 15.17
C GLU A 53 13.78 10.33 16.28
N GLU A 54 12.96 11.34 15.98
CA GLU A 54 11.84 11.71 16.84
C GLU A 54 10.65 10.79 16.55
N VAL A 55 9.89 10.48 17.61
CA VAL A 55 8.80 9.52 17.55
C VAL A 55 7.67 10.00 18.45
N ALA A 56 6.53 9.33 18.34
CA ALA A 56 5.40 9.52 19.24
C ALA A 56 5.24 8.30 20.14
N ILE A 57 4.95 8.54 21.42
CA ILE A 57 5.00 7.51 22.46
C ILE A 57 3.64 7.45 23.15
N LYS A 58 3.05 6.27 23.20
CA LYS A 58 1.79 6.05 23.91
C LYS A 58 2.06 5.15 25.11
N LEU A 59 1.62 5.58 26.29
CA LEU A 59 1.85 4.87 27.53
C LEU A 59 0.53 4.44 28.14
N GLU A 60 0.52 3.22 28.68
CA GLU A 60 -0.60 2.70 29.45
C GLU A 60 -0.04 2.05 30.70
N CYS A 61 -0.55 2.44 31.87
CA CYS A 61 -0.14 1.80 33.11
C CYS A 61 -0.38 0.30 33.00
N VAL A 62 0.64 -0.48 33.39
CA VAL A 62 0.60 -1.92 33.16
C VAL A 62 -0.36 -2.63 34.12
N LYS A 63 -0.79 -1.99 35.22
CA LYS A 63 -1.51 -2.73 36.25
C LYS A 63 -2.66 -1.95 36.87
N THR A 64 -3.17 -0.90 36.22
CA THR A 64 -4.25 -0.12 36.81
C THR A 64 -5.57 -0.88 36.73
N LYS A 65 -5.92 -1.35 35.55
CA LYS A 65 -7.16 -2.11 35.39
C LYS A 65 -7.09 -2.90 34.09
N HIS A 66 -8.25 -3.17 33.47
CA HIS A 66 -8.30 -3.90 32.22
C HIS A 66 -7.32 -3.30 31.22
N PRO A 67 -6.43 -4.09 30.62
CA PRO A 67 -5.46 -3.54 29.67
C PRO A 67 -6.04 -3.39 28.27
N GLN A 68 -5.55 -2.37 27.56
CA GLN A 68 -6.05 -2.07 26.22
C GLN A 68 -4.90 -1.90 25.21
N LEU A 69 -3.74 -1.42 25.65
CA LEU A 69 -2.73 -0.98 24.71
C LEU A 69 -2.23 -2.12 23.83
N HIS A 70 -2.04 -3.30 24.40
CA HIS A 70 -1.49 -4.43 23.63
C HIS A 70 -2.48 -4.91 22.57
N ILE A 71 -3.78 -4.86 22.84
CA ILE A 71 -4.74 -5.20 21.81
C ILE A 71 -4.71 -4.18 20.68
N GLU A 72 -4.69 -2.90 21.02
CA GLU A 72 -4.62 -1.88 19.98
C GLU A 72 -3.38 -2.08 19.13
N SER A 73 -2.25 -2.39 19.78
CA SER A 73 -1.02 -2.65 19.04
C SER A 73 -1.21 -3.81 18.07
N LYS A 74 -1.95 -4.83 18.49
CA LYS A 74 -2.20 -5.97 17.62
C LYS A 74 -3.01 -5.56 16.39
N ILE A 75 -3.95 -4.62 16.56
CA ILE A 75 -4.73 -4.14 15.42
C ILE A 75 -3.83 -3.36 14.46
N TYR A 76 -3.02 -2.44 14.98
CA TYR A 76 -2.08 -1.73 14.12
C TYR A 76 -1.24 -2.71 13.30
N LYS A 77 -0.81 -3.80 13.94
CA LYS A 77 0.00 -4.80 13.24
C LYS A 77 -0.82 -5.48 12.15
N MET A 78 -2.08 -5.81 12.43
CA MET A 78 -2.95 -6.34 11.38
C MET A 78 -3.14 -5.33 10.26
N MET A 79 -3.18 -4.04 10.60
CA MET A 79 -3.33 -2.97 9.61
C MET A 79 -2.05 -2.66 8.87
N GLN A 80 -0.91 -3.17 9.34
CA GLN A 80 0.38 -2.83 8.77
C GLN A 80 0.39 -2.98 7.26
N GLY A 81 1.10 -2.07 6.59
CA GLY A 81 1.27 -2.11 5.16
C GLY A 81 0.25 -1.32 4.36
N GLY A 82 -0.88 -0.97 4.96
CA GLY A 82 -1.88 -0.21 4.25
C GLY A 82 -1.52 1.25 4.10
N VAL A 83 -2.00 1.85 3.02
CA VAL A 83 -1.77 3.26 2.78
C VAL A 83 -2.36 4.05 3.93
N GLY A 84 -1.56 4.96 4.48
CA GLY A 84 -2.08 5.81 5.54
C GLY A 84 -2.28 5.11 6.86
N ILE A 85 -1.66 3.95 7.03
CA ILE A 85 -1.64 3.25 8.31
C ILE A 85 -0.28 3.50 8.96
N PRO A 86 -0.22 4.08 10.15
CA PRO A 86 1.08 4.37 10.76
C PRO A 86 1.84 3.09 11.07
N THR A 87 3.17 3.22 11.06
CA THR A 87 4.06 2.14 11.43
C THR A 87 4.37 2.21 12.91
N ILE A 88 4.32 1.08 13.59
CA ILE A 88 4.73 0.98 14.97
C ILE A 88 6.17 0.51 14.92
N ARG A 89 7.02 1.05 15.80
CA ARG A 89 8.43 0.70 15.79
C ARG A 89 8.80 -0.23 16.92
N TRP A 90 8.13 -0.13 18.06
CA TRP A 90 8.36 -1.09 19.11
C TRP A 90 7.19 -0.99 20.07
N CYS A 91 6.84 -2.11 20.68
N CYS A 91 6.82 -2.11 20.66
CA CYS A 91 5.74 -2.17 21.62
CA CYS A 91 5.75 -2.14 21.64
C CYS A 91 6.08 -3.20 22.68
C CYS A 91 6.10 -3.19 22.68
N GLY A 92 6.14 -2.76 23.93
CA GLY A 92 6.47 -3.67 25.01
C GLY A 92 6.12 -3.04 26.33
N ALA A 93 6.77 -3.54 27.38
CA ALA A 93 6.60 -3.02 28.72
C ALA A 93 7.94 -2.54 29.23
N GLU A 94 7.95 -1.35 29.80
CA GLU A 94 9.15 -0.75 30.41
C GLU A 94 8.80 -0.25 31.80
N GLY A 95 9.04 -1.08 32.80
CA GLY A 95 8.76 -0.68 34.17
C GLY A 95 7.29 -0.66 34.51
N ASP A 96 6.78 0.53 34.80
CA ASP A 96 5.41 0.70 35.26
C ASP A 96 4.43 0.97 34.11
N TYR A 97 4.87 0.88 32.86
CA TYR A 97 4.06 1.26 31.73
C TYR A 97 4.11 0.19 30.64
N ASN A 98 2.98 0.01 29.97
CA ASN A 98 2.97 -0.56 28.62
C ASN A 98 3.24 0.57 27.64
N VAL A 99 4.15 0.35 26.69
CA VAL A 99 4.66 1.41 25.83
C VAL A 99 4.49 1.01 24.37
N MET A 100 4.00 1.94 23.55
CA MET A 100 3.94 1.77 22.11
C MET A 100 4.61 2.95 21.44
N VAL A 101 5.53 2.67 20.52
CA VAL A 101 6.30 3.70 19.83
C VAL A 101 5.86 3.74 18.38
N MET A 102 5.41 4.90 17.93
CA MET A 102 4.90 5.08 16.59
C MET A 102 5.76 6.08 15.85
N GLU A 103 6.01 5.82 14.56
CA GLU A 103 6.58 6.82 13.67
C GLU A 103 5.87 8.15 13.86
N LEU A 104 6.63 9.23 13.85
CA LEU A 104 6.03 10.54 14.05
C LEU A 104 5.23 10.94 12.81
N LEU A 105 4.03 11.47 13.05
CA LEU A 105 3.18 11.99 12.00
C LEU A 105 3.02 13.48 12.22
N GLY A 106 2.47 14.16 11.20
CA GLY A 106 2.27 15.58 11.25
C GLY A 106 0.98 15.97 11.98
N PRO A 107 0.53 17.19 11.75
CA PRO A 107 -0.65 17.69 12.47
C PRO A 107 -1.92 16.91 12.10
N SER A 108 -2.86 16.89 13.03
CA SER A 108 -4.17 16.35 12.76
C SER A 108 -5.01 17.34 11.96
N LEU A 109 -6.10 16.83 11.39
CA LEU A 109 -6.98 17.69 10.61
C LEU A 109 -7.67 18.73 11.48
N GLU A 110 -7.87 18.43 12.78
CA GLU A 110 -8.36 19.46 13.68
C GLU A 110 -7.30 20.53 13.92
N ASP A 111 -6.04 20.13 14.07
CA ASP A 111 -4.95 21.10 14.19
C ASP A 111 -4.91 21.99 12.96
N LEU A 112 -4.87 21.37 11.78
CA LEU A 112 -4.80 22.12 10.53
C LEU A 112 -6.04 22.97 10.32
N PHE A 113 -7.20 22.48 10.78
CA PHE A 113 -8.42 23.28 10.71
C PHE A 113 -8.25 24.58 11.48
N ASN A 114 -7.73 24.50 12.70
CA ASN A 114 -7.45 25.71 13.47
C ASN A 114 -6.44 26.61 12.75
N PHE A 115 -5.39 26.02 12.16
CA PHE A 115 -4.37 26.81 11.48
C PHE A 115 -4.91 27.49 10.24
N CYS A 116 -5.90 26.88 9.58
CA CYS A 116 -6.55 27.48 8.43
C CYS A 116 -7.78 28.31 8.82
N SER A 117 -7.80 28.82 10.06
CA SER A 117 -8.86 29.69 10.54
C SER A 117 -10.21 28.98 10.63
N ARG A 118 -10.20 27.66 10.86
CA ARG A 118 -11.40 26.87 11.12
C ARG A 118 -12.41 26.99 9.97
N LYS A 119 -11.89 26.97 8.75
CA LYS A 119 -12.67 26.88 7.53
C LYS A 119 -11.78 26.26 6.46
N PHE A 120 -12.26 25.20 5.82
CA PHE A 120 -11.55 24.60 4.70
C PHE A 120 -12.25 24.97 3.39
N SER A 121 -11.45 25.28 2.37
CA SER A 121 -11.98 25.47 1.03
C SER A 121 -12.62 24.18 0.53
N LEU A 122 -13.53 24.32 -0.44
CA LEU A 122 -14.18 23.14 -1.01
C LEU A 122 -13.16 22.17 -1.57
N LYS A 123 -12.15 22.68 -2.26
CA LYS A 123 -11.14 21.81 -2.85
C LYS A 123 -10.46 20.96 -1.78
N THR A 124 -10.10 21.57 -0.65
CA THR A 124 -9.44 20.82 0.42
C THR A 124 -10.39 19.78 1.02
N VAL A 125 -11.67 20.13 1.19
CA VAL A 125 -12.63 19.17 1.72
C VAL A 125 -12.74 17.97 0.78
N LEU A 126 -12.77 18.21 -0.53
CA LEU A 126 -12.91 17.12 -1.48
C LEU A 126 -11.63 16.27 -1.54
N LEU A 127 -10.47 16.90 -1.50
CA LEU A 127 -9.22 16.16 -1.43
C LEU A 127 -9.18 15.28 -0.18
N LEU A 128 -9.57 15.84 0.97
CA LEU A 128 -9.60 15.05 2.20
C LEU A 128 -10.65 13.95 2.12
N ALA A 129 -11.83 14.27 1.59
CA ALA A 129 -12.89 13.27 1.49
C ALA A 129 -12.41 12.04 0.72
N ASP A 130 -11.68 12.27 -0.37
CA ASP A 130 -11.26 11.15 -1.20
C ASP A 130 -10.40 10.17 -0.41
N GLN A 131 -9.43 10.69 0.35
CA GLN A 131 -8.52 9.81 1.09
C GLN A 131 -9.20 9.21 2.32
N MET A 132 -10.00 10.00 3.02
CA MET A 132 -10.61 9.51 4.25
C MET A 132 -11.56 8.35 3.99
N ILE A 133 -12.37 8.45 2.94
CA ILE A 133 -13.22 7.31 2.57
C ILE A 133 -12.35 6.09 2.35
N SER A 134 -11.21 6.28 1.69
CA SER A 134 -10.32 5.15 1.40
C SER A 134 -9.73 4.55 2.66
N ARG A 135 -9.32 5.39 3.62
CA ARG A 135 -8.78 4.84 4.87
C ARG A 135 -9.83 4.02 5.60
N ILE A 136 -11.06 4.52 5.63
CA ILE A 136 -12.13 3.78 6.27
C ILE A 136 -12.39 2.48 5.52
N GLU A 137 -12.41 2.52 4.19
CA GLU A 137 -12.55 1.29 3.42
C GLU A 137 -11.47 0.29 3.79
N TYR A 138 -10.22 0.77 3.90
CA TYR A 138 -9.12 -0.14 4.20
C TYR A 138 -9.34 -0.83 5.55
N ILE A 139 -9.68 -0.06 6.58
CA ILE A 139 -9.96 -0.64 7.89
C ILE A 139 -11.07 -1.68 7.78
N HIS A 140 -12.15 -1.34 7.06
CA HIS A 140 -13.25 -2.28 6.89
C HIS A 140 -12.80 -3.53 6.15
N SER A 141 -11.87 -3.39 5.20
CA SER A 141 -11.39 -4.55 4.47
C SER A 141 -10.64 -5.52 5.38
N LYS A 142 -10.04 -5.02 6.46
CA LYS A 142 -9.35 -5.86 7.41
C LYS A 142 -10.26 -6.30 8.56
N ASN A 143 -11.58 -6.21 8.38
CA ASN A 143 -12.60 -6.81 9.24
C ASN A 143 -12.91 -5.96 10.47
N PHE A 144 -12.48 -4.70 10.51
CA PHE A 144 -12.69 -3.86 11.68
C PHE A 144 -13.48 -2.61 11.33
N ILE A 145 -14.16 -2.08 12.34
CA ILE A 145 -14.73 -0.75 12.29
C ILE A 145 -13.99 0.10 13.31
N HIS A 146 -13.88 1.39 13.00
CA HIS A 146 -13.08 2.31 13.80
C HIS A 146 -13.85 2.82 15.00
N ARG A 147 -15.08 3.31 14.77
CA ARG A 147 -16.07 3.75 15.76
C ARG A 147 -15.76 5.11 16.38
N ASP A 148 -14.75 5.84 15.93
CA ASP A 148 -14.52 7.18 16.45
C ASP A 148 -13.94 8.06 15.34
N VAL A 149 -14.61 8.07 14.19
CA VAL A 149 -14.16 8.88 13.06
C VAL A 149 -14.38 10.36 13.41
N LYS A 150 -13.28 11.11 13.45
CA LYS A 150 -13.33 12.53 13.76
C LYS A 150 -12.02 13.16 13.30
N PRO A 151 -11.98 14.50 13.16
CA PRO A 151 -10.79 15.15 12.60
C PRO A 151 -9.51 14.87 13.37
N ASP A 152 -9.60 14.72 14.69
CA ASP A 152 -8.43 14.48 15.54
C ASP A 152 -7.77 13.15 15.27
N ASN A 153 -8.48 12.20 14.65
CA ASN A 153 -7.94 10.88 14.39
C ASN A 153 -7.43 10.71 12.96
N PHE A 154 -7.28 11.81 12.23
CA PHE A 154 -6.65 11.81 10.93
C PHE A 154 -5.49 12.79 10.98
N LEU A 155 -4.30 12.30 10.65
CA LEU A 155 -3.09 13.10 10.67
C LEU A 155 -2.43 13.08 9.31
N MET A 156 -1.86 14.21 8.91
CA MET A 156 -1.05 14.23 7.70
C MET A 156 0.33 13.63 7.99
N GLY A 157 0.92 13.04 6.96
CA GLY A 157 2.26 12.51 7.05
C GLY A 157 3.29 13.63 7.00
N LEU A 158 4.56 13.22 7.07
CA LEU A 158 5.67 14.15 7.01
C LEU A 158 6.58 13.80 5.82
N GLY A 159 7.34 14.80 5.35
CA GLY A 159 8.33 14.57 4.31
C GLY A 159 7.69 14.06 3.04
N LYS A 160 8.20 12.93 2.53
CA LYS A 160 7.66 12.38 1.28
C LYS A 160 6.20 11.96 1.41
N LYS A 161 5.67 11.84 2.63
CA LYS A 161 4.29 11.47 2.89
C LYS A 161 3.45 12.65 3.33
N GLY A 162 3.94 13.88 3.15
CA GLY A 162 3.26 15.06 3.64
C GLY A 162 1.90 15.30 3.03
N ASN A 163 1.61 14.70 1.87
CA ASN A 163 0.31 14.81 1.23
C ASN A 163 -0.62 13.64 1.54
N LEU A 164 -0.21 12.73 2.43
CA LEU A 164 -0.96 11.53 2.72
C LEU A 164 -1.73 11.69 4.03
N VAL A 165 -3.02 11.34 4.01
CA VAL A 165 -3.84 11.34 5.20
C VAL A 165 -3.71 9.98 5.88
N TYR A 166 -3.31 9.99 7.14
CA TYR A 166 -3.27 8.80 7.97
C TYR A 166 -4.46 8.77 8.91
N ILE A 167 -4.83 7.56 9.33
CA ILE A 167 -5.84 7.37 10.36
C ILE A 167 -5.16 6.74 11.56
N ILE A 168 -5.54 7.17 12.76
CA ILE A 168 -4.93 6.68 13.98
C ILE A 168 -6.03 6.32 14.97
N ASP A 169 -5.59 5.64 16.03
CA ASP A 169 -6.37 5.36 17.23
C ASP A 169 -7.37 4.25 16.96
N PHE A 170 -7.02 3.03 17.38
CA PHE A 170 -7.91 1.88 17.31
C PHE A 170 -8.35 1.44 18.68
N GLY A 171 -8.28 2.35 19.67
CA GLY A 171 -8.69 2.00 21.01
C GLY A 171 -10.16 1.63 21.11
N LEU A 172 -10.99 2.18 20.23
CA LEU A 172 -12.41 1.84 20.21
C LEU A 172 -12.77 0.91 19.07
N ALA A 173 -11.77 0.44 18.31
CA ALA A 173 -12.06 -0.37 17.14
C ALA A 173 -12.60 -1.73 17.55
N LYS A 174 -13.40 -2.31 16.65
CA LYS A 174 -14.08 -3.57 16.93
C LYS A 174 -14.15 -4.38 15.64
N LYS A 175 -13.97 -5.68 15.76
CA LYS A 175 -14.18 -6.60 14.65
C LYS A 175 -15.67 -6.70 14.36
N TYR A 176 -16.06 -6.43 13.11
CA TYR A 176 -17.46 -6.44 12.71
C TYR A 176 -17.82 -7.69 11.92
N ARG A 177 -16.84 -8.45 11.46
CA ARG A 177 -17.11 -9.73 10.80
C ARG A 177 -15.99 -10.72 11.14
N ASP A 178 -16.32 -12.00 11.02
CA ASP A 178 -15.38 -13.07 11.33
C ASP A 178 -14.33 -13.20 10.25
N ALA A 179 -13.07 -13.37 10.68
CA ALA A 179 -11.96 -13.37 9.74
C ALA A 179 -12.08 -14.49 8.72
N ARG A 180 -12.57 -15.64 9.13
CA ARG A 180 -12.62 -16.80 8.24
C ARG A 180 -13.90 -16.86 7.42
N THR A 181 -15.06 -16.67 8.05
CA THR A 181 -16.34 -16.80 7.37
C THR A 181 -16.90 -15.48 6.89
N HIS A 182 -16.38 -14.34 7.36
CA HIS A 182 -16.93 -13.02 7.07
C HIS A 182 -18.37 -12.89 7.53
N GLN A 183 -18.81 -13.76 8.44
CA GLN A 183 -20.11 -13.60 9.05
C GLN A 183 -20.16 -12.32 9.85
N HIS A 184 -21.15 -11.47 9.54
CA HIS A 184 -21.28 -10.18 10.18
C HIS A 184 -21.75 -10.35 11.62
N ILE A 185 -21.28 -9.47 12.50
CA ILE A 185 -21.70 -9.50 13.89
C ILE A 185 -23.22 -9.30 13.95
N PRO A 186 -23.90 -9.77 15.00
CA PRO A 186 -25.35 -9.63 15.06
C PRO A 186 -25.78 -8.20 15.36
N TYR A 187 -26.99 -7.87 14.91
CA TYR A 187 -27.65 -6.63 15.27
C TYR A 187 -27.92 -6.58 16.77
N ARG A 188 -27.59 -5.45 17.40
CA ARG A 188 -27.83 -5.30 18.83
C ARG A 188 -28.37 -3.91 19.12
N GLU A 189 -29.16 -3.82 20.19
CA GLU A 189 -29.84 -2.59 20.60
C GLU A 189 -29.47 -2.24 22.05
N ASN A 190 -29.87 -1.04 22.46
CA ASN A 190 -29.72 -0.57 23.85
C ASN A 190 -28.26 -0.49 24.27
N LYS A 191 -27.40 -0.11 23.34
CA LYS A 191 -25.99 0.08 23.63
C LYS A 191 -25.71 1.52 24.04
N ASN A 192 -24.76 1.68 24.95
CA ASN A 192 -24.28 3.00 25.34
C ASN A 192 -23.46 3.60 24.20
N LEU A 193 -23.55 4.91 24.06
CA LEU A 193 -22.82 5.60 23.01
C LEU A 193 -21.31 5.46 23.24
N THR A 194 -20.61 4.95 22.22
CA THR A 194 -19.16 4.90 22.23
C THR A 194 -18.64 5.79 21.11
N GLY A 195 -17.60 6.54 21.41
CA GLY A 195 -17.05 7.51 20.48
C GLY A 195 -17.49 8.91 20.85
N THR A 196 -17.22 9.84 19.95
CA THR A 196 -17.51 11.24 20.20
C THR A 196 -18.93 11.58 19.77
N ALA A 197 -19.68 12.20 20.68
CA ALA A 197 -21.09 12.49 20.42
C ALA A 197 -21.26 13.42 19.22
N ARG A 198 -20.37 14.40 19.06
CA ARG A 198 -20.54 15.38 17.99
C ARG A 198 -20.67 14.70 16.62
N TYR A 199 -19.87 13.66 16.38
CA TYR A 199 -19.84 13.03 15.06
C TYR A 199 -20.57 11.70 15.02
N ALA A 200 -21.17 11.26 16.12
CA ALA A 200 -21.79 9.94 16.15
C ALA A 200 -22.98 9.88 15.18
N SER A 201 -23.18 8.71 14.60
CA SER A 201 -24.34 8.48 13.75
C SER A 201 -25.63 8.53 14.55
N ILE A 202 -26.74 8.73 13.84
CA ILE A 202 -28.05 8.74 14.48
C ILE A 202 -28.33 7.39 15.13
N ASN A 203 -28.05 6.29 14.42
CA ASN A 203 -28.32 4.98 15.00
C ASN A 203 -27.50 4.74 16.26
N THR A 204 -26.27 5.26 16.32
CA THR A 204 -25.50 5.17 17.55
C THR A 204 -26.18 5.90 18.70
N HIS A 205 -26.68 7.11 18.44
CA HIS A 205 -27.47 7.82 19.46
C HIS A 205 -28.67 7.00 19.90
N LEU A 206 -29.25 6.21 18.99
CA LEU A 206 -30.42 5.40 19.29
C LEU A 206 -30.06 4.06 19.92
N GLY A 207 -28.78 3.81 20.19
CA GLY A 207 -28.35 2.63 20.90
C GLY A 207 -28.10 1.41 20.06
N ILE A 208 -27.99 1.58 18.74
CA ILE A 208 -27.74 0.47 17.83
C ILE A 208 -26.25 0.18 17.73
N GLU A 209 -25.93 -1.11 17.66
CA GLU A 209 -24.57 -1.57 17.39
C GLU A 209 -24.02 -0.88 16.15
N GLN A 210 -22.80 -0.37 16.26
CA GLN A 210 -22.16 0.30 15.14
C GLN A 210 -21.68 -0.72 14.11
N SER A 211 -21.73 -0.31 12.84
CA SER A 211 -21.23 -1.14 11.74
C SER A 211 -20.57 -0.20 10.74
N ARG A 212 -20.27 -0.74 9.55
CA ARG A 212 -19.51 0.03 8.56
C ARG A 212 -20.20 1.34 8.20
N ARG A 213 -21.52 1.32 8.06
CA ARG A 213 -22.25 2.52 7.68
C ARG A 213 -21.99 3.66 8.64
N ASP A 214 -21.75 3.34 9.91
CA ASP A 214 -21.65 4.38 10.93
C ASP A 214 -20.34 5.13 10.82
N ASP A 215 -19.24 4.42 10.52
CA ASP A 215 -17.97 5.10 10.26
C ASP A 215 -18.15 6.11 9.13
N LEU A 216 -18.86 5.72 8.07
CA LEU A 216 -19.04 6.60 6.92
C LEU A 216 -19.99 7.74 7.24
N GLU A 217 -21.05 7.47 8.01
CA GLU A 217 -21.94 8.56 8.39
C GLU A 217 -21.21 9.60 9.23
N SER A 218 -20.42 9.14 10.21
CA SER A 218 -19.59 10.07 10.98
C SER A 218 -18.71 10.91 10.07
N LEU A 219 -18.08 10.28 9.07
CA LEU A 219 -17.25 11.03 8.14
C LEU A 219 -18.06 12.13 7.46
N GLY A 220 -19.30 11.82 7.08
CA GLY A 220 -20.16 12.83 6.49
C GLY A 220 -20.36 14.04 7.39
N TYR A 221 -20.54 13.81 8.69
CA TYR A 221 -20.63 14.94 9.62
C TYR A 221 -19.30 15.67 9.71
N VAL A 222 -18.18 14.96 9.62
CA VAL A 222 -16.87 15.60 9.64
C VAL A 222 -16.71 16.52 8.43
N LEU A 223 -17.15 16.07 7.27
CA LEU A 223 -17.00 16.89 6.07
C LEU A 223 -17.85 18.15 6.14
N MET A 224 -19.08 18.04 6.66
CA MET A 224 -19.91 19.23 6.81
C MET A 224 -19.38 20.14 7.90
N TYR A 225 -18.77 19.58 8.93
CA TYR A 225 -18.06 20.38 9.93
C TYR A 225 -16.96 21.22 9.29
N PHE A 226 -16.17 20.61 8.41
CA PHE A 226 -15.14 21.35 7.68
C PHE A 226 -15.76 22.44 6.79
N ASN A 227 -16.86 22.10 6.11
CA ASN A 227 -17.52 23.07 5.23
C ASN A 227 -18.09 24.23 6.03
N LEU A 228 -18.79 23.93 7.11
CA LEU A 228 -19.55 24.94 7.84
C LEU A 228 -18.71 25.67 8.88
N GLY A 229 -17.66 25.04 9.39
CA GLY A 229 -16.94 25.58 10.53
C GLY A 229 -17.48 25.17 11.86
N SER A 230 -18.59 24.44 11.87
CA SER A 230 -19.23 23.96 13.09
C SER A 230 -20.40 23.09 12.65
N LEU A 231 -20.95 22.35 13.61
CA LEU A 231 -22.19 21.61 13.40
C LEU A 231 -23.30 22.17 14.28
N PRO A 232 -24.56 22.14 13.85
CA PRO A 232 -25.62 22.80 14.62
C PRO A 232 -25.86 22.19 15.99
N TRP A 233 -25.33 21.02 16.28
CA TRP A 233 -25.47 20.41 17.60
C TRP A 233 -24.22 20.57 18.46
N GLN A 234 -23.30 21.44 18.08
CA GLN A 234 -22.13 21.74 18.89
C GLN A 234 -22.48 22.70 20.02
N GLY A 235 -21.82 22.51 21.16
CA GLY A 235 -21.87 23.49 22.23
C GLY A 235 -23.12 23.49 23.08
N LEU A 236 -23.78 22.33 23.22
CA LEU A 236 -25.00 22.22 24.01
C LEU A 236 -24.66 21.64 25.37
N LYS A 237 -25.02 22.35 26.44
CA LYS A 237 -24.77 21.86 27.79
C LYS A 237 -26.04 21.32 28.42
N ALA A 238 -25.86 20.65 29.55
CA ALA A 238 -26.97 20.07 30.32
C ALA A 238 -26.40 19.62 31.65
N ALA A 239 -27.21 18.89 32.43
CA ALA A 239 -26.79 18.45 33.76
C ALA A 239 -25.91 17.21 33.66
N THR A 240 -26.52 16.05 33.36
CA THR A 240 -25.79 14.81 33.22
C THR A 240 -25.40 14.58 31.75
N LYS A 241 -24.39 13.75 31.54
CA LYS A 241 -23.92 13.47 30.18
C LYS A 241 -25.04 12.89 29.33
N ARG A 242 -25.89 12.04 29.92
CA ARG A 242 -26.99 11.46 29.15
C ARG A 242 -27.88 12.55 28.56
N GLN A 243 -28.17 13.61 29.34
CA GLN A 243 -29.02 14.69 28.84
C GLN A 243 -28.35 15.45 27.71
N LYS A 244 -27.04 15.70 27.83
CA LYS A 244 -26.31 16.37 26.76
C LYS A 244 -26.37 15.55 25.48
N TYR A 245 -26.02 14.26 25.56
CA TYR A 245 -26.15 13.39 24.39
C TYR A 245 -27.57 13.43 23.85
N GLU A 246 -28.57 13.50 24.74
CA GLU A 246 -29.95 13.53 24.29
C GLU A 246 -30.24 14.78 23.48
N ARG A 247 -29.74 15.95 23.92
CA ARG A 247 -29.89 17.15 23.13
C ARG A 247 -29.24 17.00 21.76
N ILE A 248 -28.03 16.46 21.71
CA ILE A 248 -27.35 16.27 20.43
C ILE A 248 -28.14 15.31 19.55
N SER A 249 -28.62 14.20 20.12
CA SER A 249 -29.42 13.26 19.33
C SER A 249 -30.65 13.94 18.76
N GLU A 250 -31.41 14.64 19.60
CA GLU A 250 -32.62 15.29 19.12
C GLU A 250 -32.30 16.29 18.02
N LYS A 251 -31.26 17.09 18.23
CA LYS A 251 -30.90 18.09 17.22
C LYS A 251 -30.54 17.42 15.90
N LYS A 252 -29.85 16.29 15.96
CA LYS A 252 -29.49 15.55 14.75
C LYS A 252 -30.72 14.96 14.07
N MET A 253 -31.62 14.38 14.84
CA MET A 253 -32.80 13.76 14.25
C MET A 253 -33.75 14.80 13.68
N SER A 254 -33.80 15.98 14.28
CA SER A 254 -34.74 17.00 13.88
C SER A 254 -34.19 17.95 12.82
N THR A 255 -32.93 17.79 12.39
CA THR A 255 -32.34 18.62 11.36
C THR A 255 -32.26 17.82 10.07
N PRO A 256 -33.12 18.07 9.09
CA PRO A 256 -33.05 17.28 7.86
C PRO A 256 -31.75 17.55 7.09
N ILE A 257 -31.29 16.50 6.41
CA ILE A 257 -30.02 16.59 5.69
C ILE A 257 -30.02 17.76 4.72
N GLU A 258 -31.16 18.03 4.07
N GLU A 258 -31.16 18.02 4.08
CA GLU A 258 -31.22 19.15 3.15
CA GLU A 258 -31.23 19.15 3.15
C GLU A 258 -31.13 20.50 3.86
C GLU A 258 -31.15 20.50 3.85
N VAL A 259 -31.42 20.55 5.15
CA VAL A 259 -31.25 21.79 5.92
C VAL A 259 -29.83 21.91 6.44
N LEU A 260 -29.28 20.80 6.94
CA LEU A 260 -27.89 20.80 7.38
C LEU A 260 -26.97 21.25 6.26
N CYS A 261 -27.21 20.74 5.05
CA CYS A 261 -26.34 20.95 3.90
C CYS A 261 -26.81 22.08 3.00
N LYS A 262 -27.75 22.90 3.46
CA LYS A 262 -28.28 23.96 2.62
C LYS A 262 -27.17 24.91 2.20
N GLY A 263 -27.13 25.24 0.91
CA GLY A 263 -26.15 26.14 0.36
C GLY A 263 -24.89 25.49 -0.16
N TYR A 264 -24.72 24.19 0.03
CA TYR A 264 -23.52 23.50 -0.41
C TYR A 264 -23.85 22.49 -1.50
N PRO A 265 -22.85 22.04 -2.26
CA PRO A 265 -23.14 21.12 -3.37
C PRO A 265 -23.94 19.91 -2.90
N SER A 266 -24.82 19.43 -3.78
CA SER A 266 -25.75 18.37 -3.42
C SER A 266 -25.04 17.06 -3.07
N GLU A 267 -23.77 16.92 -3.45
CA GLU A 267 -23.05 15.67 -3.19
C GLU A 267 -22.97 15.38 -1.70
N PHE A 268 -22.87 16.42 -0.87
CA PHE A 268 -22.74 16.18 0.56
C PHE A 268 -24.03 15.60 1.15
N ALA A 269 -25.18 16.08 0.68
CA ALA A 269 -26.45 15.52 1.12
C ALA A 269 -26.66 14.13 0.54
N THR A 270 -26.32 13.94 -0.74
CA THR A 270 -26.39 12.61 -1.31
C THR A 270 -25.54 11.63 -0.51
N TYR A 271 -24.34 12.05 -0.11
CA TYR A 271 -23.45 11.19 0.64
C TYR A 271 -24.08 10.77 1.97
N LEU A 272 -24.60 11.74 2.72
CA LEU A 272 -25.16 11.44 4.02
C LEU A 272 -26.42 10.60 3.91
N ASN A 273 -27.28 10.92 2.94
CA ASN A 273 -28.48 10.09 2.76
C ASN A 273 -28.11 8.66 2.42
N PHE A 274 -27.08 8.48 1.61
CA PHE A 274 -26.64 7.15 1.25
C PHE A 274 -26.21 6.37 2.49
N CYS A 275 -25.42 7.02 3.36
CA CYS A 275 -24.93 6.35 4.57
C CYS A 275 -26.06 6.02 5.53
N ARG A 276 -27.01 6.95 5.68
CA ARG A 276 -28.13 6.73 6.58
C ARG A 276 -29.09 5.65 6.08
N SER A 277 -29.10 5.34 4.79
CA SER A 277 -30.01 4.33 4.26
C SER A 277 -29.37 2.96 4.15
N LEU A 278 -28.08 2.84 4.44
CA LEU A 278 -27.44 1.52 4.41
C LEU A 278 -28.02 0.63 5.51
N ARG A 279 -28.22 -0.64 5.17
CA ARG A 279 -28.61 -1.63 6.16
C ARG A 279 -27.45 -1.93 7.09
N PHE A 280 -27.78 -2.52 8.24
CA PHE A 280 -26.78 -2.79 9.27
C PHE A 280 -25.57 -3.52 8.71
N ASP A 281 -25.79 -4.61 7.97
CA ASP A 281 -24.70 -5.45 7.48
C ASP A 281 -24.36 -5.18 6.02
N ASP A 282 -24.85 -4.07 5.45
CA ASP A 282 -24.55 -3.72 4.07
C ASP A 282 -23.06 -3.43 3.91
N LYS A 283 -22.51 -3.87 2.79
CA LYS A 283 -21.18 -3.42 2.38
C LYS A 283 -21.34 -2.07 1.68
N PRO A 284 -20.77 -0.99 2.21
CA PRO A 284 -20.92 0.31 1.53
C PRO A 284 -20.30 0.28 0.15
N ASP A 285 -20.84 1.13 -0.74
CA ASP A 285 -20.23 1.32 -2.05
C ASP A 285 -19.25 2.48 -1.96
N TYR A 286 -18.06 2.16 -1.44
CA TYR A 286 -17.04 3.20 -1.23
C TYR A 286 -16.70 3.92 -2.51
N SER A 287 -16.62 3.17 -3.62
CA SER A 287 -16.28 3.78 -4.90
C SER A 287 -17.31 4.82 -5.30
N TYR A 288 -18.59 4.50 -5.14
CA TYR A 288 -19.64 5.46 -5.47
C TYR A 288 -19.53 6.72 -4.62
N LEU A 289 -19.25 6.57 -3.34
CA LEU A 289 -19.13 7.74 -2.49
C LEU A 289 -17.96 8.61 -2.92
N ARG A 290 -16.81 8.01 -3.22
CA ARG A 290 -15.68 8.77 -3.76
C ARG A 290 -16.04 9.43 -5.09
N GLN A 291 -16.73 8.70 -5.96
CA GLN A 291 -17.05 9.24 -7.28
C GLN A 291 -17.95 10.47 -7.17
N LEU A 292 -18.86 10.48 -6.21
CA LEU A 292 -19.68 11.65 -5.97
C LEU A 292 -18.80 12.89 -5.83
N PHE A 293 -17.80 12.82 -4.95
CA PHE A 293 -16.97 13.99 -4.70
C PHE A 293 -16.02 14.25 -5.86
N ARG A 294 -15.54 13.19 -6.53
CA ARG A 294 -14.67 13.38 -7.68
C ARG A 294 -15.40 14.11 -8.81
N ASN A 295 -16.64 13.72 -9.10
CA ASN A 295 -17.40 14.42 -10.14
C ASN A 295 -17.56 15.89 -9.80
N LEU A 296 -17.90 16.19 -8.54
CA LEU A 296 -18.01 17.58 -8.12
C LEU A 296 -16.69 18.31 -8.30
N PHE A 297 -15.62 17.70 -7.80
CA PHE A 297 -14.28 18.27 -7.95
C PHE A 297 -14.05 18.73 -9.39
N HIS A 298 -14.36 17.87 -10.36
CA HIS A 298 -14.08 18.19 -11.75
C HIS A 298 -15.06 19.20 -12.33
N ARG A 299 -16.29 19.25 -11.83
N ARG A 299 -16.30 19.22 -11.85
CA ARG A 299 -17.23 20.27 -12.30
CA ARG A 299 -17.23 20.26 -12.27
C ARG A 299 -16.88 21.65 -11.72
C ARG A 299 -16.77 21.62 -11.78
N GLN A 300 -16.21 21.69 -10.57
CA GLN A 300 -15.75 22.94 -10.01
C GLN A 300 -14.50 23.49 -10.70
N GLY A 301 -13.84 22.68 -11.53
CA GLY A 301 -12.63 23.12 -12.21
C GLY A 301 -11.36 22.98 -11.42
N PHE A 302 -11.35 22.19 -10.36
CA PHE A 302 -10.14 22.02 -9.54
C PHE A 302 -9.16 21.03 -10.19
N SER A 303 -7.90 21.15 -9.79
CA SER A 303 -6.85 20.25 -10.25
C SER A 303 -6.30 19.44 -9.09
N TYR A 304 -6.12 18.13 -9.30
CA TYR A 304 -5.56 17.24 -8.29
C TYR A 304 -4.04 17.45 -8.21
N ASP A 305 -3.67 18.56 -7.61
CA ASP A 305 -2.27 18.86 -7.31
C ASP A 305 -1.97 18.69 -5.82
N TYR A 306 -2.90 18.15 -5.04
CA TYR A 306 -2.69 17.87 -3.62
C TYR A 306 -2.23 19.11 -2.87
N VAL A 307 -2.65 20.30 -3.31
CA VAL A 307 -2.36 21.53 -2.60
C VAL A 307 -3.54 21.81 -1.68
N PHE A 308 -3.35 21.54 -0.39
CA PHE A 308 -4.37 21.80 0.61
C PHE A 308 -4.26 23.25 1.09
N ASP A 309 -5.27 23.70 1.81
CA ASP A 309 -5.27 25.07 2.32
C ASP A 309 -3.99 25.36 3.10
N TRP A 310 -3.53 24.41 3.92
CA TRP A 310 -2.35 24.67 4.74
C TRP A 310 -1.07 24.73 3.93
N ASN A 311 -1.05 24.14 2.73
CA ASN A 311 0.11 24.25 1.85
C ASN A 311 0.30 25.67 1.33
N MET A 312 -0.68 26.55 1.56
CA MET A 312 -0.63 27.92 1.08
C MET A 312 -0.41 28.92 2.21
N LEU A 313 -0.04 28.45 3.39
CA LEU A 313 0.29 29.37 4.47
C LEU A 313 1.69 29.92 4.23
N LYS A 314 1.84 31.22 4.45
CA LYS A 314 3.07 31.92 4.09
C LYS A 314 3.91 32.26 5.32
N MET B 21 36.71 8.92 3.69
CA MET B 21 36.68 8.71 2.24
C MET B 21 36.36 7.25 1.91
N GLU B 22 36.88 6.32 2.71
CA GLU B 22 36.73 4.90 2.43
C GLU B 22 35.37 4.38 2.91
N LEU B 23 34.97 3.26 2.32
CA LEU B 23 33.75 2.56 2.72
C LEU B 23 33.96 1.07 2.52
N ARG B 24 33.96 0.32 3.62
CA ARG B 24 34.25 -1.11 3.58
C ARG B 24 33.42 -1.81 4.64
N VAL B 25 32.75 -2.89 4.24
CA VAL B 25 31.93 -3.68 5.15
C VAL B 25 32.70 -4.93 5.52
N GLY B 26 32.80 -5.19 6.83
CA GLY B 26 33.66 -6.26 7.28
C GLY B 26 35.10 -5.98 6.89
N ASN B 27 35.84 -7.05 6.62
CA ASN B 27 37.21 -6.92 6.14
C ASN B 27 37.32 -7.00 4.62
N ARG B 28 36.37 -7.65 3.96
CA ARG B 28 36.55 -8.06 2.57
C ARG B 28 35.87 -7.16 1.55
N TYR B 29 34.80 -6.47 1.90
CA TYR B 29 33.90 -5.92 0.88
C TYR B 29 34.06 -4.41 0.84
N ARG B 30 34.66 -3.93 -0.24
CA ARG B 30 34.86 -2.50 -0.46
C ARG B 30 33.72 -1.99 -1.31
N LEU B 31 33.01 -0.99 -0.81
CA LEU B 31 31.84 -0.46 -1.50
C LEU B 31 32.25 0.61 -2.50
N GLY B 32 31.82 0.44 -3.74
CA GLY B 32 32.11 1.39 -4.79
C GLY B 32 31.02 2.44 -4.95
N ARG B 33 29.81 2.02 -5.33
CA ARG B 33 28.73 2.98 -5.49
C ARG B 33 27.39 2.32 -5.22
N LYS B 34 26.51 3.06 -4.55
CA LYS B 34 25.12 2.65 -4.41
C LYS B 34 24.48 2.70 -5.79
N ILE B 35 23.93 1.57 -6.24
CA ILE B 35 23.37 1.50 -7.59
C ILE B 35 21.86 1.70 -7.60
N GLY B 36 21.22 1.81 -6.45
CA GLY B 36 19.78 2.00 -6.40
C GLY B 36 19.22 1.47 -5.09
N SER B 37 17.92 1.20 -5.10
CA SER B 37 17.20 0.73 -3.92
C SER B 37 16.71 -0.68 -4.18
N GLY B 38 16.63 -1.48 -3.11
CA GLY B 38 16.11 -2.82 -3.16
C GLY B 38 14.75 -2.94 -2.48
N SER B 39 14.18 -4.15 -2.60
CA SER B 39 12.94 -4.44 -1.91
C SER B 39 13.07 -4.20 -0.41
N PHE B 40 14.24 -4.52 0.15
CA PHE B 40 14.56 -4.21 1.54
C PHE B 40 16.05 -3.92 1.62
N GLY B 41 16.42 -2.71 2.03
CA GLY B 41 17.82 -2.36 2.16
C GLY B 41 18.42 -1.77 0.89
N ASP B 42 19.68 -1.37 1.00
CA ASP B 42 20.40 -0.65 -0.05
C ASP B 42 21.33 -1.58 -0.82
N ILE B 43 21.53 -1.26 -2.09
CA ILE B 43 22.34 -2.06 -3.00
C ILE B 43 23.61 -1.32 -3.37
N TYR B 44 24.74 -2.03 -3.43
CA TYR B 44 26.03 -1.42 -3.71
C TYR B 44 26.84 -2.24 -4.70
N LEU B 45 27.54 -1.53 -5.59
CA LEU B 45 28.63 -2.11 -6.36
C LEU B 45 29.89 -2.14 -5.50
N GLY B 46 30.53 -3.31 -5.43
CA GLY B 46 31.65 -3.49 -4.54
C GLY B 46 32.73 -4.38 -5.13
N THR B 47 33.77 -4.60 -4.32
CA THR B 47 34.88 -5.47 -4.67
C THR B 47 35.12 -6.38 -3.50
N ASP B 48 35.18 -7.69 -3.75
CA ASP B 48 35.62 -8.64 -2.75
C ASP B 48 37.15 -8.65 -2.74
N ILE B 49 37.73 -7.94 -1.77
CA ILE B 49 39.18 -7.75 -1.70
C ILE B 49 39.91 -9.08 -1.65
N ALA B 50 39.38 -10.03 -0.86
CA ALA B 50 40.03 -11.33 -0.66
C ALA B 50 40.06 -12.15 -1.94
N ALA B 51 39.00 -12.08 -2.75
CA ALA B 51 38.91 -12.93 -3.93
C ALA B 51 39.21 -12.16 -5.20
N GLY B 52 39.46 -10.85 -5.11
CA GLY B 52 39.79 -10.06 -6.28
C GLY B 52 38.74 -10.13 -7.35
N GLU B 53 37.48 -9.95 -6.96
CA GLU B 53 36.41 -9.94 -7.93
C GLU B 53 35.43 -8.82 -7.59
N GLU B 54 34.76 -8.35 -8.62
CA GLU B 54 33.67 -7.40 -8.44
C GLU B 54 32.43 -8.18 -8.03
N VAL B 55 31.64 -7.59 -7.14
CA VAL B 55 30.45 -8.22 -6.60
C VAL B 55 29.40 -7.14 -6.40
N ALA B 56 28.17 -7.58 -6.14
CA ALA B 56 27.09 -6.70 -5.73
C ALA B 56 26.78 -6.98 -4.27
N ILE B 57 26.49 -5.92 -3.52
CA ILE B 57 26.37 -6.01 -2.07
C ILE B 57 25.04 -5.45 -1.62
N LYS B 58 24.30 -6.25 -0.87
CA LYS B 58 23.04 -5.84 -0.25
C LYS B 58 23.22 -5.83 1.26
N LEU B 59 22.88 -4.71 1.90
CA LEU B 59 23.13 -4.53 3.32
C LEU B 59 21.81 -4.36 4.07
N GLU B 60 21.72 -4.97 5.26
CA GLU B 60 20.58 -4.76 6.14
C GLU B 60 21.08 -4.57 7.57
N CYS B 61 20.69 -3.45 8.18
CA CYS B 61 21.00 -3.19 9.59
C CYS B 61 20.36 -4.24 10.48
N VAL B 62 21.13 -4.73 11.45
CA VAL B 62 20.66 -5.80 12.32
C VAL B 62 19.60 -5.24 13.28
N HIS B 66 12.10 -5.99 11.78
CA HIS B 66 11.96 -7.31 11.17
C HIS B 66 13.07 -7.58 10.16
N PRO B 67 13.79 -8.68 10.32
CA PRO B 67 14.83 -9.02 9.35
C PRO B 67 14.26 -9.76 8.16
N GLN B 68 14.84 -9.50 6.98
CA GLN B 68 14.36 -10.06 5.74
C GLN B 68 15.48 -10.70 4.93
N LEU B 69 16.70 -10.17 5.08
CA LEU B 69 17.78 -10.51 4.16
C LEU B 69 18.13 -11.99 4.24
N HIS B 70 18.16 -12.56 5.45
CA HIS B 70 18.55 -13.96 5.56
C HIS B 70 17.51 -14.87 4.93
N ILE B 71 16.22 -14.52 5.04
CA ILE B 71 15.18 -15.28 4.36
C ILE B 71 15.35 -15.17 2.85
N GLU B 72 15.59 -13.95 2.36
CA GLU B 72 15.77 -13.78 0.93
C GLU B 72 16.96 -14.58 0.43
N SER B 73 18.08 -14.57 1.15
CA SER B 73 19.23 -15.35 0.72
C SER B 73 18.88 -16.82 0.61
N LYS B 74 18.04 -17.32 1.52
CA LYS B 74 17.61 -18.71 1.44
C LYS B 74 16.77 -18.98 0.19
N ILE B 75 15.97 -18.02 -0.26
CA ILE B 75 15.23 -18.22 -1.49
C ILE B 75 16.20 -18.30 -2.67
N TYR B 76 17.14 -17.35 -2.74
CA TYR B 76 18.17 -17.39 -3.78
C TYR B 76 18.87 -18.74 -3.81
N LYS B 77 19.20 -19.28 -2.64
CA LYS B 77 19.93 -20.54 -2.58
C LYS B 77 19.09 -21.69 -3.12
N MET B 78 17.79 -21.72 -2.81
CA MET B 78 16.92 -22.72 -3.40
C MET B 78 16.86 -22.58 -4.92
N MET B 79 16.93 -21.35 -5.42
CA MET B 79 16.92 -21.10 -6.85
C MET B 79 18.24 -21.38 -7.54
N GLN B 80 19.31 -21.55 -6.77
CA GLN B 80 20.65 -21.69 -7.33
C GLN B 80 20.69 -22.74 -8.43
N GLY B 81 21.47 -22.46 -9.48
CA GLY B 81 21.64 -23.38 -10.57
C GLY B 81 20.72 -23.13 -11.75
N GLY B 82 19.65 -22.38 -11.58
CA GLY B 82 18.77 -22.08 -12.68
C GLY B 82 19.36 -21.05 -13.62
N VAL B 83 18.98 -21.16 -14.90
CA VAL B 83 19.45 -20.21 -15.89
C VAL B 83 19.01 -18.81 -15.48
N GLY B 84 19.96 -17.87 -15.49
CA GLY B 84 19.63 -16.49 -15.20
C GLY B 84 19.32 -16.21 -13.75
N ILE B 85 19.74 -17.09 -12.84
CA ILE B 85 19.62 -16.87 -11.40
C ILE B 85 21.00 -16.51 -10.87
N PRO B 86 21.19 -15.35 -10.25
CA PRO B 86 22.51 -15.02 -9.71
C PRO B 86 22.89 -15.92 -8.54
N THR B 87 24.20 -16.07 -8.35
CA THR B 87 24.74 -16.84 -7.24
C THR B 87 24.93 -15.90 -6.04
N ILE B 88 24.48 -16.37 -4.86
CA ILE B 88 24.63 -15.65 -3.60
C ILE B 88 25.66 -16.32 -2.70
N ARG B 89 26.40 -15.50 -1.96
CA ARG B 89 27.17 -15.96 -0.80
C ARG B 89 26.64 -15.20 0.43
N TRP B 90 25.83 -15.85 1.24
CA TRP B 90 25.36 -15.26 2.49
C TRP B 90 26.50 -15.14 3.50
N CYS B 91 26.76 -13.92 3.93
CA CYS B 91 27.62 -13.64 5.07
C CYS B 91 26.75 -13.23 6.24
N GLY B 92 26.98 -13.84 7.39
CA GLY B 92 26.18 -13.57 8.56
C GLY B 92 26.17 -12.09 8.91
N ALA B 93 27.01 -11.72 9.86
CA ALA B 93 27.13 -10.35 10.32
C ALA B 93 28.54 -9.86 10.08
N GLU B 94 28.66 -8.63 9.60
CA GLU B 94 29.94 -7.98 9.38
C GLU B 94 29.79 -6.69 10.18
N GLY B 95 30.14 -6.76 11.46
CA GLY B 95 29.94 -5.65 12.36
C GLY B 95 28.46 -5.49 12.66
N ASP B 96 27.88 -4.35 12.29
CA ASP B 96 26.49 -4.03 12.56
C ASP B 96 25.57 -4.37 11.40
N TYR B 97 26.06 -5.08 10.39
CA TYR B 97 25.30 -5.32 9.18
C TYR B 97 25.23 -6.81 8.87
N ASN B 98 24.06 -7.23 8.41
CA ASN B 98 23.92 -8.48 7.67
C ASN B 98 24.21 -8.19 6.21
N VAL B 99 25.05 -9.02 5.59
CA VAL B 99 25.54 -8.79 4.24
C VAL B 99 25.21 -10.00 3.39
N MET B 100 24.75 -9.74 2.17
CA MET B 100 24.57 -10.76 1.16
C MET B 100 25.37 -10.35 -0.06
N VAL B 101 26.23 -11.25 -0.52
CA VAL B 101 27.13 -10.95 -1.64
C VAL B 101 26.63 -11.70 -2.86
N MET B 102 26.50 -11.00 -3.97
N MET B 102 26.49 -10.96 -3.95
CA MET B 102 26.00 -11.57 -5.20
CA MET B 102 26.03 -11.46 -5.24
C MET B 102 27.02 -11.38 -6.30
C MET B 102 27.19 -11.51 -6.23
N GLU B 103 27.01 -12.29 -7.28
CA GLU B 103 27.79 -12.10 -8.48
C GLU B 103 27.28 -10.83 -9.17
N LEU B 104 28.21 -10.02 -9.65
CA LEU B 104 27.85 -8.76 -10.27
C LEU B 104 27.17 -9.03 -11.61
N LEU B 105 26.08 -8.31 -11.85
CA LEU B 105 25.35 -8.42 -13.10
C LEU B 105 25.45 -7.12 -13.87
N GLY B 106 24.97 -7.16 -15.11
CA GLY B 106 24.98 -6.00 -15.97
C GLY B 106 23.83 -5.06 -15.69
N PRO B 107 23.53 -4.17 -16.63
CA PRO B 107 22.49 -3.16 -16.40
C PRO B 107 21.10 -3.79 -16.36
N SER B 108 20.19 -3.09 -15.69
CA SER B 108 18.79 -3.48 -15.67
C SER B 108 18.09 -3.06 -16.97
N LEU B 109 16.94 -3.69 -17.23
CA LEU B 109 16.22 -3.36 -18.44
C LEU B 109 15.68 -1.94 -18.41
N GLU B 110 15.41 -1.40 -17.21
CA GLU B 110 15.01 0.00 -17.12
C GLU B 110 16.17 0.93 -17.48
N ASP B 111 17.37 0.64 -16.96
CA ASP B 111 18.54 1.42 -17.37
C ASP B 111 18.72 1.34 -18.89
N LEU B 112 18.67 0.13 -19.43
CA LEU B 112 18.83 -0.04 -20.87
C LEU B 112 17.69 0.63 -21.63
N PHE B 113 16.48 0.64 -21.07
CA PHE B 113 15.35 1.30 -21.72
C PHE B 113 15.60 2.80 -21.85
N ASN B 114 16.01 3.45 -20.75
CA ASN B 114 16.34 4.86 -20.79
C ASN B 114 17.47 5.15 -21.77
N PHE B 115 18.46 4.25 -21.81
CA PHE B 115 19.60 4.45 -22.70
C PHE B 115 19.17 4.41 -24.16
N CYS B 116 18.15 3.62 -24.47
CA CYS B 116 17.58 3.54 -25.81
C CYS B 116 16.43 4.54 -26.02
N SER B 117 16.39 5.62 -25.24
CA SER B 117 15.38 6.67 -25.43
C SER B 117 13.97 6.15 -25.18
N ARG B 118 13.84 5.16 -24.30
CA ARG B 118 12.54 4.66 -23.86
C ARG B 118 11.70 4.14 -25.03
N LYS B 119 12.36 3.43 -25.94
CA LYS B 119 11.67 2.74 -27.02
C LYS B 119 12.51 1.54 -27.42
N PHE B 120 11.92 0.36 -27.36
CA PHE B 120 12.54 -0.87 -27.82
C PHE B 120 11.91 -1.30 -29.13
N SER B 121 12.75 -1.77 -30.05
CA SER B 121 12.25 -2.41 -31.26
C SER B 121 11.46 -3.66 -30.92
N LEU B 122 10.62 -4.08 -31.86
CA LEU B 122 9.85 -5.31 -31.67
C LEU B 122 10.77 -6.49 -31.43
N LYS B 123 11.86 -6.56 -32.19
CA LYS B 123 12.78 -7.70 -32.05
C LYS B 123 13.33 -7.78 -30.62
N THR B 124 13.77 -6.66 -30.08
CA THR B 124 14.30 -6.67 -28.72
C THR B 124 13.22 -7.06 -27.71
N VAL B 125 12.01 -6.54 -27.89
CA VAL B 125 10.91 -6.90 -26.98
C VAL B 125 10.67 -8.41 -27.02
N LEU B 126 10.66 -9.00 -28.21
CA LEU B 126 10.41 -10.42 -28.33
C LEU B 126 11.57 -11.25 -27.78
N LEU B 127 12.80 -10.82 -28.03
CA LEU B 127 13.95 -11.48 -27.43
C LEU B 127 13.84 -11.48 -25.92
N LEU B 128 13.48 -10.33 -25.34
CA LEU B 128 13.30 -10.24 -23.90
C LEU B 128 12.13 -11.08 -23.41
N ALA B 129 11.00 -11.04 -24.11
CA ALA B 129 9.83 -11.80 -23.68
C ALA B 129 10.15 -13.27 -23.54
N ASP B 130 10.91 -13.83 -24.48
CA ASP B 130 11.19 -15.26 -24.45
C ASP B 130 11.91 -15.65 -23.16
N GLN B 131 12.94 -14.88 -22.78
CA GLN B 131 13.71 -15.20 -21.59
C GLN B 131 12.95 -14.85 -20.32
N MET B 132 12.22 -13.74 -20.33
CA MET B 132 11.52 -13.32 -19.12
C MET B 132 10.47 -14.35 -18.73
N ILE B 133 9.72 -14.88 -19.70
CA ILE B 133 8.78 -15.94 -19.39
C ILE B 133 9.50 -17.13 -18.77
N SER B 134 10.65 -17.49 -19.31
CA SER B 134 11.37 -18.64 -18.79
C SER B 134 11.84 -18.41 -17.36
N ARG B 135 12.31 -17.20 -17.03
CA ARG B 135 12.76 -16.96 -15.65
C ARG B 135 11.60 -17.12 -14.67
N ILE B 136 10.45 -16.55 -15.02
CA ILE B 136 9.27 -16.67 -14.18
C ILE B 136 8.85 -18.15 -14.08
N GLU B 137 8.88 -18.86 -15.20
CA GLU B 137 8.58 -20.29 -15.14
C GLU B 137 9.51 -21.00 -14.17
N TYR B 138 10.82 -20.74 -14.25
CA TYR B 138 11.76 -21.42 -13.37
C TYR B 138 11.45 -21.15 -11.91
N ILE B 139 11.25 -19.88 -11.57
CA ILE B 139 10.91 -19.53 -10.18
C ILE B 139 9.65 -20.27 -9.74
N HIS B 140 8.61 -20.29 -10.58
CA HIS B 140 7.40 -21.03 -10.22
C HIS B 140 7.67 -22.51 -10.07
N SER B 141 8.58 -23.06 -10.87
CA SER B 141 8.93 -24.47 -10.74
C SER B 141 9.60 -24.74 -9.40
N LYS B 142 10.26 -23.73 -8.84
CA LYS B 142 10.85 -23.81 -7.51
C LYS B 142 9.89 -23.33 -6.42
N ASN B 143 8.59 -23.28 -6.73
CA ASN B 143 7.53 -23.18 -5.75
C ASN B 143 7.28 -21.77 -5.23
N PHE B 144 7.81 -20.74 -5.88
CA PHE B 144 7.67 -19.37 -5.43
C PHE B 144 7.03 -18.50 -6.51
N ILE B 145 6.38 -17.44 -6.07
CA ILE B 145 5.99 -16.35 -6.97
C ILE B 145 6.81 -15.13 -6.58
N HIS B 146 7.14 -14.31 -7.59
CA HIS B 146 8.04 -13.18 -7.40
C HIS B 146 7.32 -11.98 -6.79
N ARG B 147 6.18 -11.61 -7.37
CA ARG B 147 5.28 -10.56 -6.88
C ARG B 147 5.79 -9.15 -7.11
N ASP B 148 6.90 -8.95 -7.84
CA ASP B 148 7.32 -7.61 -8.21
C ASP B 148 8.00 -7.64 -9.58
N VAL B 149 7.30 -8.20 -10.57
CA VAL B 149 7.83 -8.27 -11.92
C VAL B 149 7.86 -6.86 -12.50
N LYS B 150 9.06 -6.38 -12.83
CA LYS B 150 9.23 -5.04 -13.38
C LYS B 150 10.61 -4.95 -14.01
N PRO B 151 10.81 -3.96 -14.90
CA PRO B 151 12.09 -3.90 -15.64
C PRO B 151 13.30 -3.80 -14.73
N ASP B 152 13.18 -3.13 -13.58
CA ASP B 152 14.30 -2.96 -12.67
C ASP B 152 14.78 -4.28 -12.06
N ASN B 153 13.95 -5.32 -12.07
CA ASN B 153 14.33 -6.61 -11.47
C ASN B 153 14.82 -7.60 -12.50
N PHE B 154 15.08 -7.16 -13.73
CA PHE B 154 15.71 -7.97 -14.76
C PHE B 154 16.97 -7.26 -15.20
N LEU B 155 18.11 -7.95 -15.06
CA LEU B 155 19.42 -7.43 -15.40
C LEU B 155 20.06 -8.34 -16.43
N MET B 156 20.78 -7.74 -17.38
CA MET B 156 21.58 -8.52 -18.32
C MET B 156 22.86 -8.99 -17.63
N GLY B 157 23.39 -10.10 -18.11
CA GLY B 157 24.65 -10.61 -17.59
C GLY B 157 25.82 -9.75 -18.01
N LEU B 158 27.01 -10.17 -17.60
CA LEU B 158 28.24 -9.45 -17.91
C LEU B 158 29.08 -10.25 -18.88
N GLY B 159 29.87 -9.54 -19.67
CA GLY B 159 30.82 -10.19 -20.55
C GLY B 159 30.13 -11.15 -21.50
N LYS B 160 30.62 -12.38 -21.51
CA LYS B 160 30.08 -13.43 -22.37
C LYS B 160 28.65 -13.83 -22.00
N LYS B 161 28.13 -13.34 -20.88
CA LYS B 161 26.76 -13.61 -20.47
C LYS B 161 25.82 -12.45 -20.75
N GLY B 162 26.29 -11.47 -21.55
CA GLY B 162 25.53 -10.27 -21.83
C GLY B 162 24.23 -10.53 -22.57
N ASN B 163 24.09 -11.69 -23.19
CA ASN B 163 22.87 -12.03 -23.90
C ASN B 163 21.86 -12.76 -23.03
N LEU B 164 22.18 -12.96 -21.75
CA LEU B 164 21.32 -13.67 -20.83
C LEU B 164 20.59 -12.68 -19.93
N VAL B 165 19.28 -12.85 -19.81
CA VAL B 165 18.45 -12.06 -18.90
C VAL B 165 18.42 -12.79 -17.56
N TYR B 166 18.80 -12.09 -16.49
CA TYR B 166 18.67 -12.58 -15.13
C TYR B 166 17.49 -11.92 -14.44
N ILE B 167 16.92 -12.59 -13.45
CA ILE B 167 15.89 -12.02 -12.59
C ILE B 167 16.46 -11.92 -11.18
N ILE B 168 16.12 -10.83 -10.48
CA ILE B 168 16.66 -10.59 -9.15
C ILE B 168 15.56 -10.17 -8.19
N ASP B 169 15.95 -10.16 -6.91
CA ASP B 169 15.17 -9.59 -5.82
C ASP B 169 13.99 -10.48 -5.43
N PHE B 170 14.18 -11.25 -4.37
CA PHE B 170 13.13 -12.09 -3.81
C PHE B 170 12.64 -11.58 -2.47
N GLY B 171 12.85 -10.30 -2.17
CA GLY B 171 12.38 -9.76 -0.91
C GLY B 171 10.88 -9.79 -0.74
N LEU B 172 10.14 -9.73 -1.85
CA LEU B 172 8.68 -9.79 -1.81
C LEU B 172 8.14 -11.15 -2.26
N ALA B 173 9.03 -12.10 -2.54
CA ALA B 173 8.61 -13.39 -3.05
C ALA B 173 7.87 -14.19 -1.99
N LYS B 174 7.04 -15.12 -2.45
CA LYS B 174 6.20 -15.92 -1.57
C LYS B 174 6.10 -17.32 -2.12
N LYS B 175 6.16 -18.30 -1.23
CA LYS B 175 5.92 -19.70 -1.60
C LYS B 175 4.44 -19.88 -1.91
N TYR B 176 4.13 -20.37 -3.11
CA TYR B 176 2.74 -20.50 -3.50
C TYR B 176 2.25 -21.95 -3.50
N ARG B 177 3.15 -22.93 -3.46
CA ARG B 177 2.72 -24.32 -3.38
C ARG B 177 3.72 -25.11 -2.55
N ASP B 178 3.25 -26.24 -2.04
CA ASP B 178 4.11 -27.13 -1.28
C ASP B 178 5.05 -27.88 -2.22
N ALA B 179 6.33 -27.93 -1.86
CA ALA B 179 7.35 -28.48 -2.75
C ALA B 179 7.09 -29.95 -3.06
N ARG B 180 6.59 -30.71 -2.08
CA ARG B 180 6.38 -32.14 -2.21
C ARG B 180 4.98 -32.49 -2.74
N THR B 181 3.93 -31.90 -2.17
CA THR B 181 2.56 -32.23 -2.54
C THR B 181 1.97 -31.32 -3.61
N HIS B 182 2.61 -30.17 -3.89
CA HIS B 182 2.10 -29.18 -4.83
C HIS B 182 0.74 -28.61 -4.41
N GLN B 183 0.37 -28.73 -3.14
CA GLN B 183 -0.81 -28.07 -2.63
C GLN B 183 -0.66 -26.55 -2.75
N HIS B 184 -1.62 -25.93 -3.45
CA HIS B 184 -1.60 -24.49 -3.67
C HIS B 184 -2.07 -23.74 -2.43
N ILE B 185 -1.53 -22.55 -2.21
CA ILE B 185 -1.96 -21.70 -1.10
C ILE B 185 -3.44 -21.37 -1.30
N PRO B 186 -4.20 -21.09 -0.24
CA PRO B 186 -5.63 -20.84 -0.42
C PRO B 186 -5.91 -19.47 -1.03
N TYR B 187 -7.07 -19.37 -1.67
CA TYR B 187 -7.57 -18.10 -2.15
C TYR B 187 -7.81 -17.16 -0.97
N ARG B 188 -7.36 -15.92 -1.08
CA ARG B 188 -7.56 -14.93 -0.05
C ARG B 188 -7.90 -13.60 -0.70
N GLU B 189 -8.60 -12.76 0.05
CA GLU B 189 -9.03 -11.46 -0.41
C GLU B 189 -8.53 -10.40 0.56
N ASN B 190 -8.69 -9.14 0.15
CA ASN B 190 -8.38 -8.00 1.00
C ASN B 190 -6.90 -7.97 1.38
N LYS B 191 -6.04 -8.31 0.43
CA LYS B 191 -4.60 -8.26 0.65
C LYS B 191 -4.05 -6.90 0.25
N ASN B 192 -3.02 -6.47 0.96
CA ASN B 192 -2.32 -5.25 0.60
C ASN B 192 -1.55 -5.43 -0.69
N LEU B 193 -1.47 -4.36 -1.48
CA LEU B 193 -0.72 -4.41 -2.73
C LEU B 193 0.75 -4.65 -2.45
N THR B 194 1.31 -5.67 -3.07
CA THR B 194 2.74 -5.94 -3.03
C THR B 194 3.29 -5.75 -4.42
N GLY B 195 4.40 -5.01 -4.51
CA GLY B 195 4.99 -4.68 -5.79
C GLY B 195 4.66 -3.27 -6.24
N THR B 196 4.99 -3.01 -7.49
CA THR B 196 4.78 -1.69 -8.09
C THR B 196 3.37 -1.62 -8.67
N ALA B 197 2.65 -0.54 -8.34
CA ALA B 197 1.28 -0.40 -8.82
C ALA B 197 1.23 -0.38 -10.34
N ARG B 198 2.24 0.24 -10.98
CA ARG B 198 2.23 0.39 -12.43
C ARG B 198 2.09 -0.95 -13.14
N TYR B 199 2.75 -2.01 -12.65
CA TYR B 199 2.74 -3.30 -13.32
C TYR B 199 1.87 -4.34 -12.62
N ALA B 200 1.18 -3.97 -11.54
CA ALA B 200 0.41 -4.93 -10.79
C ALA B 200 -0.75 -5.46 -11.64
N SER B 201 -1.09 -6.73 -11.41
CA SER B 201 -2.26 -7.31 -12.07
C SER B 201 -3.53 -6.67 -11.53
N ILE B 202 -4.61 -6.82 -12.30
CA ILE B 202 -5.91 -6.29 -11.88
C ILE B 202 -6.34 -6.93 -10.56
N ASN B 203 -6.22 -8.25 -10.45
CA ASN B 203 -6.61 -8.92 -9.22
C ASN B 203 -5.76 -8.45 -8.03
N THR B 204 -4.49 -8.11 -8.27
CA THR B 204 -3.68 -7.54 -7.19
C THR B 204 -4.27 -6.22 -6.71
N HIS B 205 -4.66 -5.34 -7.65
CA HIS B 205 -5.33 -4.10 -7.25
C HIS B 205 -6.60 -4.37 -6.46
N LEU B 206 -7.30 -5.45 -6.78
CA LEU B 206 -8.54 -5.77 -6.07
C LEU B 206 -8.31 -6.49 -4.76
N GLY B 207 -7.05 -6.72 -4.37
CA GLY B 207 -6.77 -7.28 -3.07
C GLY B 207 -6.82 -8.79 -3.03
N ILE B 208 -6.77 -9.46 -4.18
CA ILE B 208 -6.77 -10.91 -4.25
C ILE B 208 -5.34 -11.40 -4.06
N GLU B 209 -5.18 -12.50 -3.32
CA GLU B 209 -3.89 -13.17 -3.17
C GLU B 209 -3.26 -13.45 -4.53
N GLN B 210 -1.99 -13.07 -4.67
CA GLN B 210 -1.28 -13.29 -5.91
C GLN B 210 -0.92 -14.76 -6.07
N SER B 211 -0.89 -15.21 -7.33
CA SER B 211 -0.49 -16.56 -7.67
C SER B 211 0.30 -16.47 -8.98
N ARG B 212 0.53 -17.62 -9.62
CA ARG B 212 1.40 -17.63 -10.79
C ARG B 212 0.88 -16.71 -11.89
N ARG B 213 -0.44 -16.68 -12.09
CA ARG B 213 -1.02 -15.87 -13.16
C ARG B 213 -0.63 -14.40 -13.02
N ASP B 214 -0.45 -13.92 -11.79
CA ASP B 214 -0.23 -12.50 -11.57
C ASP B 214 1.18 -12.08 -11.97
N ASP B 215 2.18 -12.92 -11.69
CA ASP B 215 3.52 -12.66 -12.21
C ASP B 215 3.50 -12.49 -13.72
N LEU B 216 2.78 -13.37 -14.42
CA LEU B 216 2.77 -13.35 -15.88
C LEU B 216 1.98 -12.15 -16.42
N GLU B 217 0.86 -11.82 -15.77
CA GLU B 217 0.13 -10.63 -16.19
C GLU B 217 1.00 -9.38 -16.06
N SER B 218 1.69 -9.24 -14.92
CA SER B 218 2.62 -8.13 -14.75
C SER B 218 3.65 -8.08 -15.87
N LEU B 219 4.19 -9.23 -16.25
CA LEU B 219 5.14 -9.26 -17.35
C LEU B 219 4.51 -8.71 -18.62
N GLY B 220 3.25 -9.10 -18.88
CA GLY B 220 2.55 -8.56 -20.05
C GLY B 220 2.50 -7.05 -20.05
N TYR B 221 2.26 -6.44 -18.88
CA TYR B 221 2.30 -4.98 -18.80
C TYR B 221 3.70 -4.44 -19.02
N VAL B 222 4.72 -5.17 -18.56
CA VAL B 222 6.11 -4.75 -18.78
C VAL B 222 6.42 -4.74 -20.27
N LEU B 223 5.94 -5.76 -20.99
CA LEU B 223 6.23 -5.86 -22.41
C LEU B 223 5.55 -4.73 -23.20
N MET B 224 4.32 -4.37 -22.83
CA MET B 224 3.66 -3.25 -23.49
C MET B 224 4.27 -1.91 -23.10
N TYR B 225 4.78 -1.80 -21.87
CA TYR B 225 5.55 -0.64 -21.46
C TYR B 225 6.75 -0.44 -22.38
N PHE B 226 7.49 -1.52 -22.66
CA PHE B 226 8.62 -1.44 -23.58
C PHE B 226 8.17 -1.02 -24.98
N ASN B 227 7.04 -1.57 -25.44
CA ASN B 227 6.53 -1.22 -26.76
C ASN B 227 6.17 0.25 -26.83
N LEU B 228 5.45 0.75 -25.82
CA LEU B 228 4.85 2.08 -25.88
C LEU B 228 5.76 3.19 -25.40
N GLY B 229 6.72 2.90 -24.53
CA GLY B 229 7.47 3.91 -23.81
C GLY B 229 6.82 4.34 -22.53
N SER B 230 5.60 3.90 -22.26
CA SER B 230 4.87 4.23 -21.05
C SER B 230 3.57 3.44 -21.11
N LEU B 231 2.87 3.41 -19.99
CA LEU B 231 1.57 2.80 -19.94
C LEU B 231 0.52 3.87 -19.71
N PRO B 232 -0.69 3.71 -20.26
CA PRO B 232 -1.65 4.81 -20.23
C PRO B 232 -2.10 5.21 -18.83
N TRP B 233 -1.78 4.41 -17.82
CA TRP B 233 -2.15 4.72 -16.44
C TRP B 233 -0.98 5.29 -15.63
N GLN B 234 0.09 5.72 -16.29
CA GLN B 234 1.21 6.35 -15.61
C GLN B 234 0.91 7.81 -15.26
N ARG B 247 -6.35 5.37 -8.35
CA ARG B 247 -6.28 6.13 -9.59
C ARG B 247 -5.68 5.26 -10.70
N ILE B 248 -4.53 4.66 -10.43
CA ILE B 248 -3.94 3.73 -11.39
C ILE B 248 -4.83 2.50 -11.57
N SER B 249 -5.40 2.00 -10.48
CA SER B 249 -6.27 0.84 -10.56
C SER B 249 -7.44 1.09 -11.52
N GLU B 250 -8.15 2.21 -11.35
CA GLU B 250 -9.31 2.48 -12.18
C GLU B 250 -8.93 2.58 -13.66
N LYS B 251 -7.88 3.33 -13.96
CA LYS B 251 -7.48 3.49 -15.36
C LYS B 251 -7.08 2.16 -15.98
N LYS B 252 -6.40 1.31 -15.21
CA LYS B 252 -6.02 -0.01 -15.72
C LYS B 252 -7.24 -0.90 -15.94
N MET B 253 -8.20 -0.87 -15.01
CA MET B 253 -9.40 -1.69 -15.17
C MET B 253 -10.28 -1.18 -16.29
N SER B 254 -10.31 0.13 -16.52
CA SER B 254 -11.18 0.72 -17.52
C SER B 254 -10.55 0.77 -18.90
N THR B 255 -9.31 0.28 -19.04
CA THR B 255 -8.65 0.26 -20.34
C THR B 255 -8.68 -1.17 -20.87
N PRO B 256 -9.49 -1.48 -21.87
CA PRO B 256 -9.49 -2.85 -22.39
C PRO B 256 -8.16 -3.23 -23.03
N ILE B 257 -7.83 -4.53 -22.89
CA ILE B 257 -6.53 -5.02 -23.36
C ILE B 257 -6.31 -4.66 -24.82
N GLU B 258 -7.37 -4.76 -25.64
CA GLU B 258 -7.19 -4.47 -27.07
C GLU B 258 -6.94 -2.99 -27.30
N VAL B 259 -7.44 -2.11 -26.43
CA VAL B 259 -7.12 -0.70 -26.53
C VAL B 259 -5.67 -0.46 -26.08
N LEU B 260 -5.26 -1.11 -24.99
CA LEU B 260 -3.89 -0.99 -24.51
C LEU B 260 -2.89 -1.38 -25.60
N CYS B 261 -3.15 -2.48 -26.31
CA CYS B 261 -2.20 -3.04 -27.26
C CYS B 261 -2.42 -2.56 -28.68
N LYS B 262 -3.25 -1.54 -28.85
CA LYS B 262 -3.59 -1.05 -30.17
C LYS B 262 -2.34 -0.58 -30.90
N GLY B 263 -2.19 -1.01 -32.16
CA GLY B 263 -1.03 -0.67 -32.95
C GLY B 263 0.12 -1.64 -32.85
N TYR B 264 0.00 -2.66 -32.01
CA TYR B 264 1.05 -3.66 -31.87
C TYR B 264 0.51 -5.03 -32.23
N PRO B 265 1.39 -5.99 -32.52
CA PRO B 265 0.92 -7.32 -32.93
C PRO B 265 -0.05 -7.91 -31.92
N SER B 266 -1.01 -8.67 -32.42
CA SER B 266 -2.09 -9.18 -31.59
C SER B 266 -1.60 -10.11 -30.50
N GLU B 267 -0.37 -10.64 -30.63
CA GLU B 267 0.13 -11.57 -29.63
C GLU B 267 0.17 -10.94 -28.26
N PHE B 268 0.41 -9.62 -28.19
CA PHE B 268 0.51 -8.97 -26.89
C PHE B 268 -0.83 -8.94 -26.18
N ALA B 269 -1.92 -8.75 -26.93
CA ALA B 269 -3.25 -8.84 -26.35
C ALA B 269 -3.62 -10.27 -26.03
N THR B 270 -3.28 -11.20 -26.92
CA THR B 270 -3.51 -12.61 -26.63
C THR B 270 -2.80 -13.02 -25.35
N TYR B 271 -1.56 -12.57 -25.18
CA TYR B 271 -0.81 -12.93 -23.97
C TYR B 271 -1.53 -12.43 -22.73
N LEU B 272 -1.94 -11.16 -22.73
CA LEU B 272 -2.57 -10.59 -21.55
C LEU B 272 -3.95 -11.22 -21.30
N ASN B 273 -4.73 -11.47 -22.35
CA ASN B 273 -6.02 -12.12 -22.17
C ASN B 273 -5.85 -13.50 -21.57
N PHE B 274 -4.82 -14.24 -22.01
CA PHE B 274 -4.57 -15.56 -21.45
C PHE B 274 -4.29 -15.49 -19.95
N CYS B 275 -3.45 -14.54 -19.54
CA CYS B 275 -3.12 -14.43 -18.12
C CYS B 275 -4.34 -14.05 -17.30
N ARG B 276 -5.17 -13.16 -17.82
CA ARG B 276 -6.39 -12.76 -17.10
C ARG B 276 -7.41 -13.87 -17.02
N SER B 277 -7.32 -14.87 -17.89
CA SER B 277 -8.27 -15.98 -17.87
C SER B 277 -7.81 -17.16 -17.02
N LEU B 278 -6.58 -17.14 -16.50
CA LEU B 278 -6.11 -18.24 -15.67
C LEU B 278 -6.85 -18.27 -14.34
N ARG B 279 -7.21 -19.48 -13.92
CA ARG B 279 -7.74 -19.63 -12.58
C ARG B 279 -6.64 -19.39 -11.54
N PHE B 280 -7.08 -19.08 -10.32
CA PHE B 280 -6.16 -18.75 -9.24
C PHE B 280 -5.05 -19.79 -9.11
N ASP B 281 -5.41 -21.08 -9.12
CA ASP B 281 -4.43 -22.15 -8.90
C ASP B 281 -3.99 -22.83 -10.19
N ASP B 282 -4.35 -22.28 -11.36
CA ASP B 282 -3.95 -22.85 -12.64
C ASP B 282 -2.44 -22.82 -12.81
N LYS B 283 -1.90 -23.88 -13.40
CA LYS B 283 -0.53 -23.88 -13.88
C LYS B 283 -0.48 -23.23 -15.25
N PRO B 284 0.21 -22.11 -15.42
CA PRO B 284 0.25 -21.48 -16.74
C PRO B 284 0.89 -22.40 -17.78
N ASP B 285 0.47 -22.22 -19.02
CA ASP B 285 1.10 -22.92 -20.15
C ASP B 285 2.22 -22.01 -20.69
N TYR B 286 3.37 -22.08 -20.02
CA TYR B 286 4.49 -21.21 -20.39
C TYR B 286 4.92 -21.45 -21.84
N SER B 287 4.98 -22.71 -22.26
CA SER B 287 5.42 -23.00 -23.63
C SER B 287 4.52 -22.33 -24.64
N TYR B 288 3.21 -22.40 -24.41
CA TYR B 288 2.28 -21.74 -25.31
C TYR B 288 2.58 -20.25 -25.41
N LEU B 289 2.81 -19.60 -24.28
CA LEU B 289 3.07 -18.17 -24.29
C LEU B 289 4.38 -17.85 -25.00
N ARG B 290 5.44 -18.60 -24.71
CA ARG B 290 6.69 -18.41 -25.44
C ARG B 290 6.47 -18.67 -26.92
N GLN B 291 5.69 -19.69 -27.26
CA GLN B 291 5.46 -20.03 -28.65
C GLN B 291 4.74 -18.91 -29.38
N LEU B 292 3.81 -18.23 -28.70
CA LEU B 292 3.13 -17.07 -29.29
C LEU B 292 4.12 -16.06 -29.85
N PHE B 293 5.06 -15.64 -29.00
CA PHE B 293 6.01 -14.61 -29.41
C PHE B 293 7.07 -15.16 -30.36
N ARG B 294 7.47 -16.42 -30.21
CA ARG B 294 8.43 -17.01 -31.14
C ARG B 294 7.88 -17.06 -32.55
N ASN B 295 6.64 -17.53 -32.71
CA ASN B 295 6.04 -17.59 -34.04
C ASN B 295 5.99 -16.21 -34.67
N LEU B 296 5.58 -15.20 -33.90
CA LEU B 296 5.59 -13.82 -34.37
C LEU B 296 7.01 -13.39 -34.74
N PHE B 297 7.95 -13.61 -33.82
CA PHE B 297 9.37 -13.33 -34.08
C PHE B 297 9.76 -13.84 -35.47
N HIS B 298 9.39 -15.08 -35.77
CA HIS B 298 9.81 -15.65 -37.05
C HIS B 298 9.02 -15.06 -38.23
N ARG B 299 7.70 -14.87 -38.07
CA ARG B 299 6.93 -14.25 -39.16
C ARG B 299 7.49 -12.89 -39.51
N GLN B 300 7.99 -12.16 -38.52
CA GLN B 300 8.58 -10.84 -38.75
C GLN B 300 9.92 -10.91 -39.46
N GLY B 301 10.50 -12.11 -39.61
CA GLY B 301 11.76 -12.29 -40.28
C GLY B 301 12.98 -12.07 -39.41
N PHE B 302 12.82 -12.06 -38.09
CA PHE B 302 13.94 -11.86 -37.18
C PHE B 302 14.72 -13.15 -36.99
N SER B 303 15.98 -12.99 -36.57
CA SER B 303 16.88 -14.09 -36.25
C SER B 303 17.26 -14.03 -34.78
N TYR B 304 17.27 -15.18 -34.11
CA TYR B 304 17.67 -15.25 -32.70
C TYR B 304 19.20 -15.18 -32.63
N ASP B 305 19.71 -13.97 -32.85
CA ASP B 305 21.13 -13.68 -32.72
C ASP B 305 21.44 -12.86 -31.47
N TYR B 306 20.44 -12.64 -30.62
CA TYR B 306 20.62 -11.97 -29.33
C TYR B 306 21.28 -10.62 -29.47
N VAL B 307 21.03 -9.95 -30.59
CA VAL B 307 21.46 -8.57 -30.80
C VAL B 307 20.31 -7.67 -30.35
N PHE B 308 20.43 -7.10 -29.16
CA PHE B 308 19.43 -6.19 -28.64
C PHE B 308 19.69 -4.78 -29.15
N ASP B 309 18.70 -3.90 -28.96
CA ASP B 309 18.83 -2.52 -29.44
C ASP B 309 20.09 -1.85 -28.88
N TRP B 310 20.39 -2.07 -27.59
CA TRP B 310 21.51 -1.37 -26.99
C TRP B 310 22.86 -1.86 -27.51
N ASN B 311 22.91 -3.07 -28.07
CA ASN B 311 24.11 -3.56 -28.71
C ASN B 311 24.39 -2.85 -30.03
N MET B 312 23.47 -2.03 -30.54
CA MET B 312 23.66 -1.35 -31.82
C MET B 312 23.90 0.15 -31.67
N LEU B 313 24.00 0.67 -30.46
CA LEU B 313 24.34 2.07 -30.26
C LEU B 313 25.85 2.25 -30.12
C10 GEW C . 3.94 16.35 17.59
C15 GEW C . 1.89 12.14 16.35
C17 GEW C . 0.24 10.71 17.34
C21 GEW C . -1.00 10.43 18.24
C22 GEW C . -1.22 9.30 18.99
C24 GEW C . -2.94 10.58 19.20
C28 GEW C . -6.72 11.20 20.76
C01 GEW C . 7.91 17.91 14.57
C03 GEW C . 6.20 19.00 15.99
C04 GEW C . 5.55 20.17 16.37
C05 GEW C . 4.39 20.13 17.16
C06 GEW C . 3.87 18.89 17.55
C08 GEW C . 2.45 19.77 19.25
C09 GEW C . 4.53 17.73 17.16
C11 GEW C . 2.79 16.00 16.60
C12 GEW C . 2.10 14.64 16.95
C16 GEW C . 0.79 11.98 17.18
C18 GEW C . 0.81 9.67 16.61
C19 GEW C . 1.91 9.91 15.78
C27 GEW C . -6.19 12.24 20.00
C29 GEW C . -7.99 11.32 21.30
C30 GEW C . -8.73 12.47 21.08
C32 GEW C . -8.22 13.50 20.32
C33 GEW C . -6.94 13.38 19.76
C35 GEW C . -2.31 12.50 17.75
C36 GEW C . -0.32 8.08 19.17
C37 GEW C . -0.83 6.81 18.88
C38 GEW C . -0.02 5.69 19.04
C39 GEW C . 1.30 5.84 19.48
C41 GEW C . 1.80 7.11 19.77
C42 GEW C . 0.99 8.24 19.61
C43 GEW C . 5.68 17.77 16.38
F31 GEW C . -9.98 12.59 21.62
F40 GEW C . 2.12 4.75 19.65
N14 GEW C . 2.49 13.48 16.14
N20 GEW C . 2.41 11.13 15.67
N23 GEW C . -2.40 9.42 19.57
N25 GEW C . -4.27 11.00 19.69
N26 GEW C . -4.85 12.07 19.41
N34 GEW C . -2.07 11.21 18.36
O02 GEW C . 7.38 19.08 15.20
O07 GEW C . 2.70 18.76 18.32
O13 GEW C . 1.30 14.59 17.82
H101 GEW C . 3.59 16.41 18.48
H102 GEW C . 4.63 15.67 17.53
H281 GEW C . -6.22 10.44 20.90
H011 GEW C . 8.12 18.12 13.64
H012 GEW C . 7.25 17.21 14.60
H013 GEW C . 8.72 17.63 15.03
H041 GEW C . 5.90 21.00 16.12
H051 GEW C . 3.96 20.91 17.41
H081 GEW C . 2.03 19.39 20.04
H083 GEW C . 1.86 20.43 18.86
H082 GEW C . 3.29 20.20 19.51
H112 GEW C . 3.16 15.95 15.71
H111 GEW C . 2.13 16.70 16.63
H161 GEW C . 0.44 12.71 17.63
H181 GEW C . 0.47 8.81 16.69
H191 GEW C . 2.29 9.21 15.31
H291 GEW C . -8.35 10.63 21.82
H321 GEW C . -8.71 14.27 20.17
H331 GEW C . -6.58 14.07 19.25
H353 GEW C . -1.48 12.86 17.40
H351 GEW C . -2.67 13.12 18.41
H352 GEW C . -2.94 12.40 17.02
H371 GEW C . -1.70 6.72 18.59
H381 GEW C . -0.36 4.84 18.85
H411 GEW C . 2.67 7.21 20.06
H421 GEW C . 1.32 9.08 19.80
H431 GEW C . 6.10 16.98 16.13
H141 GEW C . 3.06 13.59 15.52
P PO4 D . -19.41 19.43 21.53
O1 PO4 D . -17.99 19.91 21.75
O2 PO4 D . -20.37 20.37 22.21
O3 PO4 D . -19.69 19.39 20.05
O4 PO4 D . -19.59 18.04 22.11
C10 GEW E . 25.30 -1.51 -12.70
C15 GEW E . 23.81 -5.63 -9.94
C17 GEW E . 21.98 -5.86 -8.37
C21 GEW E . 20.70 -5.45 -7.59
C22 GEW E . 20.36 -5.88 -6.33
C24 GEW E . 18.77 -4.62 -7.06
C28 GEW E . 15.03 -1.73 -8.45
C01 GEW E . 23.93 2.41 -15.99
C03 GEW E . 24.87 0.22 -16.09
C04 GEW E . 25.93 -0.32 -16.83
C05 GEW E . 26.80 -1.26 -16.24
C06 GEW E . 26.60 -1.65 -14.90
C08 GEW E . 28.26 -3.41 -15.08
C09 GEW E . 25.54 -1.09 -14.18
C11 GEW E . 25.22 -3.05 -12.63
C12 GEW E . 24.22 -3.63 -11.55
C16 GEW E . 22.69 -5.07 -9.31
C18 GEW E . 22.43 -7.16 -8.18
C19 GEW E . 23.55 -7.65 -8.85
C27 GEW E . 15.68 -2.61 -7.60
C29 GEW E . 13.75 -1.28 -8.14
C30 GEW E . 13.11 -1.73 -6.99
C32 GEW E . 13.74 -2.63 -6.16
C33 GEW E . 15.02 -3.08 -6.47
C35 GEW E . 19.58 -3.99 -9.31
C36 GEW E . 21.10 -6.81 -5.32
C37 GEW E . 20.34 -7.76 -4.66
C38 GEW E . 20.94 -8.62 -3.73
C39 GEW E . 22.30 -8.51 -3.47
C41 GEW E . 23.06 -7.54 -4.12
C42 GEW E . 22.45 -6.69 -5.05
C43 GEW E . 24.69 -0.16 -14.76
F31 GEW E . 11.85 -1.29 -6.69
F40 GEW E . 22.89 -9.34 -2.56
N14 GEW E . 24.62 -4.91 -10.95
N20 GEW E . 24.19 -6.88 -9.71
N23 GEW E . 19.18 -5.36 -6.02
N25 GEW E . 17.47 -3.92 -7.02
N26 GEW E . 17.01 -3.16 -7.90
N34 GEW E . 19.70 -4.68 -8.03
O02 GEW E . 24.00 1.18 -16.67
O07 GEW E . 27.46 -2.58 -14.28
O13 GEW E . 23.22 -3.06 -11.27
H101 GEW E . 24.46 -1.13 -12.37
H102 GEW E . 26.03 -1.20 -12.14
H281 GEW E . 15.46 -1.42 -9.22
H011 GEW E . 24.01 3.14 -16.63
H012 GEW E . 24.65 2.47 -15.34
H013 GEW E . 23.07 2.48 -15.53
H041 GEW E . 26.06 -0.07 -17.70
H051 GEW E . 27.49 -1.61 -16.73
H081 GEW E . 27.85 -3.52 -15.95
H083 GEW E . 28.34 -4.29 -14.66
H082 GEW E . 29.14 -3.02 -15.18
H112 GEW E . 26.11 -3.40 -12.43
H111 GEW E . 24.94 -3.38 -13.50
H161 GEW E . 22.42 -4.20 -9.50
H181 GEW E . 21.98 -7.72 -7.58
H191 GEW E . 23.84 -8.52 -8.70
H291 GEW E . 13.32 -0.67 -8.71
H321 GEW E . 13.32 -2.93 -5.38
H331 GEW E . 15.45 -3.67 -5.90
H353 GEW E . 20.45 -3.96 -9.73
H351 GEW E . 19.26 -3.09 -9.15
H352 GEW E . 18.96 -4.46 -9.88
H371 GEW E . 19.43 -7.84 -4.83
H381 GEW E . 20.43 -9.27 -3.30
H411 GEW E . 23.97 -7.47 -3.95
H421 GEW E . 22.96 -6.05 -5.49
H431 GEW E . 23.98 0.19 -14.27
H141 GEW E . 25.35 -5.27 -11.21
P PO4 F . 9.46 -24.32 -24.99
O1 PO4 F . 10.88 -24.85 -25.00
O2 PO4 F . 9.49 -22.82 -24.80
O3 PO4 F . 8.79 -24.64 -26.30
O4 PO4 F . 8.70 -24.96 -23.86
#